data_3CL4
#
_entry.id   3CL4
#
_cell.length_a   88.830
_cell.length_b   88.830
_cell.length_c   282.360
_cell.angle_alpha   90.00
_cell.angle_beta   90.00
_cell.angle_gamma   120.00
#
_symmetry.space_group_name_H-M   'P 65 2 2'
#
loop_
_entity.id
_entity.type
_entity.pdbx_description
1 polymer Hemagglutinin-esterase
2 branched 2-acetamido-2-deoxy-beta-D-glucopyranose-(1-4)-2-acetamido-2-deoxy-beta-D-glucopyranose
3 non-polymer 2-acetamido-2-deoxy-beta-D-glucopyranose
4 non-polymer 'POTASSIUM ION'
5 water water
#
_entity_poly.entity_id   1
_entity_poly.type   'polypeptide(L)'
_entity_poly.pdbx_seq_one_letter_code
;FDNPPTNVVSHLNGDWFLFGDSRSDCNHVVNTNPRNYSYMDLNPALCDSGKISSKAGNSIFRSFHFTDFYNYTGEGQQII
FYEGVNFTPYHAFKCTTSGSNDIWMQNKGLFYTQVYKNMAVYRSLTFVNVPYVYNGSAQSTALCKSGSLVLNNPAYIARE
ANFGDYYYKVEADFYLSGCDEYIVPLCIFNGKFLSNTKYYDDSQYYFNKDTGVIYGLNSTETITTGFDFNCHYLVLPSGN
YLAISNELLLTVPTKAICLNKRKDFTPVQVVDSRWNNARQSDNMTAVACQPPYCYFRNSTTNYVGVYDINHGDAGFTSIL
SGLLYDSPCFSQQGVFRYDNVSSVWPLYSYGRCPTAADINTPDVPICVYDSDPLVPR
;
_entity_poly.pdbx_strand_id   A
#
loop_
_chem_comp.id
_chem_comp.type
_chem_comp.name
_chem_comp.formula
K non-polymer 'POTASSIUM ION' 'K 1'
NAG D-saccharide, beta linking 2-acetamido-2-deoxy-beta-D-glucopyranose 'C8 H15 N O6'
#
# COMPACT_ATOMS: atom_id res chain seq x y z
N PHE A 1 -18.93 -33.79 14.04
CA PHE A 1 -18.03 -33.14 13.03
C PHE A 1 -18.43 -31.69 12.86
N ASP A 2 -17.39 -30.87 12.80
CA ASP A 2 -17.58 -29.43 12.64
C ASP A 2 -16.57 -28.86 11.64
N ASN A 3 -17.10 -28.13 10.68
CA ASN A 3 -16.28 -27.49 9.63
C ASN A 3 -16.70 -26.04 9.53
N PRO A 4 -16.41 -25.27 10.59
CA PRO A 4 -16.82 -23.89 10.55
C PRO A 4 -15.83 -23.03 9.75
N PRO A 5 -16.26 -21.82 9.31
CA PRO A 5 -15.31 -20.86 8.79
C PRO A 5 -14.43 -20.36 9.91
N THR A 6 -13.12 -20.44 9.72
CA THR A 6 -12.18 -20.05 10.76
C THR A 6 -11.52 -18.73 10.37
N ASN A 7 -11.30 -17.94 11.40
CA ASN A 7 -10.69 -16.63 11.32
C ASN A 7 -9.14 -16.69 11.26
N VAL A 8 -8.68 -17.17 10.11
CA VAL A 8 -7.25 -17.23 9.80
C VAL A 8 -6.95 -16.80 8.37
N VAL A 9 -5.69 -16.43 8.20
CA VAL A 9 -5.07 -16.46 6.86
C VAL A 9 -4.33 -17.77 6.67
N SER A 10 -4.49 -18.34 5.49
CA SER A 10 -3.90 -19.64 5.16
C SER A 10 -3.56 -19.72 3.66
N HIS A 11 -3.37 -20.92 3.19
CA HIS A 11 -2.99 -21.19 1.80
C HIS A 11 -3.45 -22.55 1.32
N LEU A 12 -3.89 -22.59 0.07
CA LEU A 12 -4.38 -23.82 -0.54
C LEU A 12 -3.24 -24.81 -0.64
N ASN A 13 -2.09 -24.30 -1.03
CA ASN A 13 -0.90 -25.12 -1.14
C ASN A 13 0.29 -24.27 -0.75
N GLY A 14 1.47 -24.65 -1.19
CA GLY A 14 2.71 -23.95 -0.77
C GLY A 14 2.95 -22.65 -1.53
N ASP A 15 2.12 -22.41 -2.50
CA ASP A 15 2.34 -21.27 -3.42
C ASP A 15 1.68 -20.03 -2.90
N TRP A 16 2.31 -19.44 -1.91
CA TRP A 16 1.80 -18.21 -1.25
C TRP A 16 2.91 -17.31 -0.82
N PHE A 17 2.56 -16.08 -0.53
CA PHE A 17 3.52 -15.08 -0.10
C PHE A 17 2.90 -14.03 0.79
N LEU A 18 3.63 -13.65 1.85
CA LEU A 18 3.17 -12.65 2.78
C LEU A 18 4.02 -11.42 2.81
N PHE A 19 3.34 -10.29 2.79
CA PHE A 19 3.95 -8.94 2.89
C PHE A 19 3.58 -8.33 4.24
N GLY A 20 4.58 -7.83 4.96
CA GLY A 20 4.36 -7.44 6.36
C GLY A 20 5.24 -6.36 6.92
N ASP A 21 5.19 -6.29 8.25
CA ASP A 21 5.91 -5.31 9.01
C ASP A 21 6.65 -6.02 10.18
N SER A 22 6.88 -5.31 11.26
CA SER A 22 7.73 -5.91 12.27
C SER A 22 7.07 -7.17 12.84
N ARG A 23 5.74 -7.21 12.83
CA ARG A 23 4.99 -8.31 13.43
C ARG A 23 5.15 -9.59 12.66
N SER A 24 5.82 -9.51 11.51
CA SER A 24 6.20 -10.69 10.73
C SER A 24 7.62 -10.61 10.16
N ASP A 25 8.41 -9.70 10.72
CA ASP A 25 9.80 -9.49 10.28
C ASP A 25 10.80 -10.30 11.09
N CYS A 26 11.17 -11.44 10.53
CA CYS A 26 12.08 -12.37 11.21
C CYS A 26 13.45 -11.75 11.43
N ASN A 27 13.81 -10.76 10.63
CA ASN A 27 15.13 -10.19 10.72
C ASN A 27 15.25 -9.21 11.89
N HIS A 28 14.13 -8.80 12.41
CA HIS A 28 14.14 -7.77 13.43
C HIS A 28 14.75 -8.31 14.74
N VAL A 29 14.75 -9.62 14.86
CA VAL A 29 15.14 -10.29 16.12
C VAL A 29 16.58 -9.87 16.51
N VAL A 30 17.38 -9.50 15.51
CA VAL A 30 18.79 -9.23 15.76
C VAL A 30 18.90 -7.87 16.43
N ASN A 31 17.81 -7.12 16.41
CA ASN A 31 17.78 -5.80 17.04
C ASN A 31 16.98 -5.85 18.32
N THR A 32 16.81 -7.06 18.82
CA THR A 32 16.28 -7.27 20.16
C THR A 32 17.36 -7.88 21.05
N ASN A 33 17.44 -7.33 22.26
CA ASN A 33 18.43 -7.76 23.22
C ASN A 33 17.86 -7.82 24.66
N PRO A 34 17.80 -9.03 25.22
CA PRO A 34 18.22 -10.20 24.46
C PRO A 34 17.29 -10.55 23.29
N ARG A 35 17.80 -11.49 22.51
CA ARG A 35 17.08 -11.92 21.33
C ARG A 35 15.77 -12.54 21.74
N ASN A 36 14.70 -11.97 21.20
CA ASN A 36 13.37 -12.41 21.52
C ASN A 36 12.38 -12.31 20.32
N TYR A 37 11.77 -13.43 19.98
CA TYR A 37 10.84 -13.47 18.82
C TYR A 37 9.43 -13.03 19.13
N SER A 38 9.16 -12.65 20.37
CA SER A 38 7.77 -12.50 20.82
C SER A 38 7.13 -11.26 20.24
N TYR A 39 7.94 -10.43 19.57
CA TYR A 39 7.47 -9.16 18.98
C TYR A 39 6.61 -9.42 17.73
N MET A 40 6.64 -10.68 17.31
CA MET A 40 5.97 -11.18 16.13
C MET A 40 4.64 -11.85 16.41
N ASP A 41 3.71 -11.63 15.47
CA ASP A 41 2.43 -12.35 15.45
C ASP A 41 2.59 -13.58 14.61
N LEU A 42 3.54 -13.50 13.68
CA LEU A 42 3.95 -14.65 12.85
C LEU A 42 4.63 -15.69 13.69
N ASN A 43 4.39 -16.94 13.39
CA ASN A 43 5.14 -18.01 14.03
C ASN A 43 6.56 -18.10 13.47
N PRO A 44 7.58 -18.01 14.35
CA PRO A 44 8.93 -18.04 13.84
C PRO A 44 9.31 -19.28 13.14
N ALA A 45 8.50 -20.33 13.24
CA ALA A 45 8.79 -21.53 12.50
C ALA A 45 8.78 -21.26 11.00
N LEU A 46 8.14 -20.15 10.61
CA LEU A 46 8.03 -19.77 9.17
C LEU A 46 9.20 -18.90 8.72
N CYS A 47 10.14 -18.66 9.62
CA CYS A 47 11.24 -17.73 9.35
C CYS A 47 12.19 -18.19 8.25
N ASP A 48 12.19 -19.46 7.93
CA ASP A 48 13.10 -19.98 6.89
C ASP A 48 12.39 -20.27 5.54
N SER A 49 11.19 -19.72 5.38
CA SER A 49 10.30 -20.22 4.28
C SER A 49 10.64 -19.61 2.95
N GLY A 50 11.21 -18.42 2.99
CA GLY A 50 11.43 -17.64 1.76
C GLY A 50 10.09 -17.07 1.24
N LYS A 51 9.08 -17.04 2.10
CA LYS A 51 7.72 -16.61 1.67
C LYS A 51 7.21 -15.35 2.31
N ILE A 52 8.12 -14.61 2.95
CA ILE A 52 7.80 -13.38 3.62
C ILE A 52 8.75 -12.27 3.24
N SER A 53 8.16 -11.09 3.03
CA SER A 53 8.86 -9.84 2.83
C SER A 53 8.23 -8.83 3.77
N SER A 54 8.92 -8.59 4.88
CA SER A 54 8.45 -7.73 5.95
C SER A 54 9.59 -6.90 6.52
N LYS A 55 9.26 -5.72 6.99
CA LYS A 55 10.24 -4.85 7.58
C LYS A 55 9.66 -4.03 8.75
N ALA A 56 10.32 -4.18 9.89
CA ALA A 56 9.90 -3.47 11.08
C ALA A 56 9.86 -2.02 10.76
N GLY A 57 8.80 -1.34 11.16
CA GLY A 57 8.68 0.10 11.00
C GLY A 57 8.11 0.56 9.65
N ASN A 58 7.93 -0.41 8.77
CA ASN A 58 7.50 -0.05 7.40
C ASN A 58 6.16 -0.64 6.96
N SER A 59 5.74 -0.14 5.79
CA SER A 59 4.52 -0.58 5.15
C SER A 59 4.67 -0.35 3.66
N ILE A 60 3.91 -1.08 2.89
CA ILE A 60 4.00 -0.90 1.40
C ILE A 60 3.76 0.56 1.00
N PHE A 61 2.79 1.21 1.65
CA PHE A 61 2.38 2.60 1.30
C PHE A 61 3.49 3.58 1.71
N ARG A 62 4.02 3.32 2.90
CA ARG A 62 5.13 4.10 3.44
C ARG A 62 6.32 4.04 2.51
N SER A 63 6.66 2.84 2.12
CA SER A 63 7.78 2.66 1.19
C SER A 63 7.53 3.29 -0.19
N PHE A 64 6.27 3.32 -0.59
CA PHE A 64 5.93 3.78 -1.95
C PHE A 64 6.18 5.30 -2.06
N HIS A 65 5.89 5.99 -0.97
CA HIS A 65 5.82 7.44 -0.99
C HIS A 65 7.01 8.15 -0.38
N PHE A 66 7.69 7.49 0.54
CA PHE A 66 8.69 8.17 1.42
C PHE A 66 10.11 7.63 1.31
N THR A 67 11.04 8.44 1.83
CA THR A 67 12.50 8.10 1.82
C THR A 67 12.79 6.94 2.72
N ASP A 68 11.90 6.72 3.68
CA ASP A 68 11.99 5.57 4.57
C ASP A 68 11.47 4.35 3.84
N PHE A 69 12.36 3.80 3.04
CA PHE A 69 12.07 2.76 2.03
C PHE A 69 12.57 1.36 2.30
N TYR A 70 11.67 0.40 2.05
CA TYR A 70 12.02 -1.03 2.05
C TYR A 70 11.50 -1.67 0.78
N ASN A 71 12.39 -2.38 0.11
CA ASN A 71 12.05 -2.96 -1.18
C ASN A 71 11.26 -4.26 -1.08
N TYR A 72 10.03 -4.10 -0.60
CA TYR A 72 9.10 -5.22 -0.54
C TYR A 72 9.13 -5.99 -1.85
N THR A 73 9.34 -7.28 -1.74
CA THR A 73 9.52 -8.12 -2.91
C THR A 73 9.02 -9.52 -2.69
N GLY A 74 8.11 -9.96 -3.53
CA GLY A 74 7.63 -11.30 -3.41
C GLY A 74 6.74 -11.77 -4.51
N GLU A 75 6.60 -13.09 -4.57
CA GLU A 75 5.87 -13.80 -5.61
C GLU A 75 5.08 -14.99 -5.06
N GLY A 76 3.83 -15.10 -5.46
CA GLY A 76 2.96 -16.17 -4.99
C GLY A 76 1.63 -16.18 -5.69
N GLN A 77 1.03 -17.35 -5.75
CA GLN A 77 -0.33 -17.49 -6.28
C GLN A 77 -1.29 -16.77 -5.34
N GLN A 78 -1.29 -17.22 -4.08
CA GLN A 78 -2.02 -16.53 -3.05
C GLN A 78 -1.13 -15.58 -2.33
N ILE A 79 -1.56 -14.32 -2.34
CA ILE A 79 -0.88 -13.21 -1.65
C ILE A 79 -1.64 -12.83 -0.37
N ILE A 80 -0.85 -12.67 0.67
CA ILE A 80 -1.32 -12.24 1.96
C ILE A 80 -0.62 -11.00 2.42
N PHE A 81 -1.39 -10.12 3.04
CA PHE A 81 -0.89 -8.83 3.56
C PHE A 81 -1.21 -8.71 5.02
N TYR A 82 -0.21 -8.26 5.78
CA TYR A 82 -0.35 -7.91 7.20
C TYR A 82 0.55 -6.72 7.48
N GLU A 83 0.16 -5.60 6.93
CA GLU A 83 0.87 -4.34 7.09
C GLU A 83 -0.05 -3.18 6.80
N GLY A 84 0.41 -2.00 7.20
CA GLY A 84 -0.35 -0.79 6.99
C GLY A 84 -0.25 0.15 8.16
N VAL A 85 -0.07 -0.42 9.33
CA VAL A 85 -0.08 0.35 10.60
C VAL A 85 0.99 1.43 10.63
N ASN A 86 2.06 1.21 9.90
CA ASN A 86 3.18 2.20 9.92
C ASN A 86 2.94 3.40 9.01
N PHE A 87 1.69 3.55 8.62
CA PHE A 87 1.19 4.86 8.19
C PHE A 87 -0.28 4.96 8.54
N THR A 88 -0.49 5.61 9.69
CA THR A 88 -1.80 5.72 10.34
C THR A 88 -2.04 7.14 10.85
N PRO A 89 -3.25 7.45 11.34
CA PRO A 89 -3.49 8.82 11.82
C PRO A 89 -2.51 9.20 12.93
N TYR A 90 -2.12 8.20 13.67
CA TYR A 90 -1.11 8.35 14.71
C TYR A 90 0.10 9.14 14.25
N HIS A 91 0.52 8.90 13.01
CA HIS A 91 1.76 9.52 12.50
C HIS A 91 1.49 10.98 12.21
N ALA A 92 0.21 11.32 12.12
CA ALA A 92 -0.24 12.70 11.85
C ALA A 92 0.46 13.34 10.66
N PHE A 93 0.73 12.53 9.64
CA PHE A 93 1.34 13.11 8.45
C PHE A 93 0.47 14.10 7.67
N LYS A 94 1.10 15.19 7.30
CA LYS A 94 0.52 16.16 6.39
C LYS A 94 1.68 16.82 5.71
N CYS A 95 1.48 17.30 4.49
CA CYS A 95 2.62 17.81 3.71
C CYS A 95 3.20 19.04 4.35
N THR A 96 2.30 19.77 4.98
CA THR A 96 2.65 20.98 5.72
C THR A 96 1.81 21.07 6.97
N THR A 97 2.16 22.06 7.81
CA THR A 97 1.59 22.15 9.14
C THR A 97 0.12 22.55 9.07
N SER A 98 -0.27 23.15 7.96
CA SER A 98 -1.67 23.54 7.78
C SER A 98 -2.48 22.52 6.98
N GLY A 99 -1.88 21.35 6.75
CA GLY A 99 -2.51 20.31 5.89
C GLY A 99 -3.56 19.46 6.56
N SER A 100 -3.80 18.29 6.00
CA SER A 100 -4.87 17.38 6.45
C SER A 100 -4.47 15.92 6.39
N ASN A 101 -4.55 15.24 7.53
CA ASN A 101 -4.20 13.82 7.55
C ASN A 101 -5.29 13.02 6.87
N ASP A 102 -6.48 13.61 6.84
CA ASP A 102 -7.63 12.94 6.24
C ASP A 102 -7.37 12.72 4.76
N ILE A 103 -6.71 13.68 4.12
CA ILE A 103 -6.30 13.57 2.73
C ILE A 103 -5.35 12.35 2.56
N TRP A 104 -4.46 12.21 3.52
CA TRP A 104 -3.43 11.16 3.48
C TRP A 104 -4.05 9.79 3.75
N MET A 105 -5.11 9.79 4.54
CA MET A 105 -5.88 8.56 4.78
C MET A 105 -6.64 8.13 3.51
N GLN A 106 -7.14 9.13 2.80
CA GLN A 106 -7.86 8.88 1.55
C GLN A 106 -6.88 8.29 0.53
N ASN A 107 -5.71 8.86 0.47
CA ASN A 107 -4.62 8.36 -0.40
C ASN A 107 -4.29 6.92 -0.10
N LYS A 108 -4.14 6.66 1.17
CA LYS A 108 -3.83 5.30 1.65
C LYS A 108 -4.88 4.31 1.17
N GLY A 109 -6.13 4.69 1.28
CA GLY A 109 -7.21 3.80 0.82
C GLY A 109 -7.16 3.52 -0.67
N LEU A 110 -6.96 4.57 -1.44
CA LEU A 110 -6.88 4.45 -2.88
C LEU A 110 -5.68 3.59 -3.35
N PHE A 111 -4.55 3.75 -2.66
CA PHE A 111 -3.34 2.98 -2.96
C PHE A 111 -3.58 1.50 -2.79
N TYR A 112 -4.01 1.13 -1.59
CA TYR A 112 -4.13 -0.30 -1.25
C TYR A 112 -5.23 -0.97 -2.11
N THR A 113 -6.21 -0.17 -2.53
CA THR A 113 -7.25 -0.67 -3.45
C THR A 113 -6.60 -1.20 -4.69
N GLN A 114 -5.65 -0.44 -5.25
CA GLN A 114 -5.00 -0.85 -6.50
C GLN A 114 -4.08 -2.07 -6.24
N VAL A 115 -3.45 -2.05 -5.07
CA VAL A 115 -2.50 -3.13 -4.73
C VAL A 115 -3.26 -4.42 -4.58
N TYR A 116 -4.40 -4.38 -3.90
CA TYR A 116 -5.13 -5.62 -3.60
C TYR A 116 -5.73 -6.20 -4.88
N LYS A 117 -6.32 -5.32 -5.69
CA LYS A 117 -7.01 -5.74 -6.89
C LYS A 117 -6.01 -6.34 -7.85
N ASN A 118 -4.84 -5.74 -7.90
CA ASN A 118 -3.86 -6.20 -8.87
C ASN A 118 -3.10 -7.46 -8.43
N MET A 119 -2.92 -7.62 -7.12
CA MET A 119 -2.24 -8.84 -6.64
C MET A 119 -3.17 -10.06 -6.65
N ALA A 120 -4.43 -9.83 -7.04
CA ALA A 120 -5.38 -10.94 -7.32
C ALA A 120 -5.12 -11.50 -8.70
N VAL A 121 -4.38 -10.76 -9.51
CA VAL A 121 -4.12 -11.13 -10.90
C VAL A 121 -2.67 -11.14 -11.39
N TYR A 122 -1.74 -10.78 -10.52
CA TYR A 122 -0.28 -10.95 -10.75
C TYR A 122 0.34 -11.72 -9.59
N ARG A 123 1.35 -12.54 -9.92
CA ARG A 123 2.06 -13.34 -8.91
C ARG A 123 3.05 -12.51 -8.12
N SER A 124 3.67 -11.57 -8.83
CA SER A 124 4.87 -10.87 -8.34
C SER A 124 4.69 -9.41 -8.06
N LEU A 125 5.13 -9.00 -6.89
CA LEU A 125 5.25 -7.62 -6.50
C LEU A 125 6.68 -7.29 -6.07
N THR A 126 7.16 -6.16 -6.60
CA THR A 126 8.34 -5.46 -6.08
C THR A 126 8.22 -3.99 -6.38
N PHE A 127 9.24 -3.23 -5.99
CA PHE A 127 9.39 -1.81 -6.28
C PHE A 127 10.45 -1.63 -7.34
N VAL A 128 10.23 -0.65 -8.21
CA VAL A 128 11.23 -0.24 -9.19
C VAL A 128 11.38 1.25 -9.15
N ASN A 129 12.61 1.70 -9.36
CA ASN A 129 12.88 3.12 -9.48
C ASN A 129 12.31 3.51 -10.83
N VAL A 130 11.73 4.69 -10.89
CA VAL A 130 11.28 5.19 -12.16
C VAL A 130 12.25 6.30 -12.62
N PRO A 131 13.01 6.02 -13.67
CA PRO A 131 13.87 7.11 -14.13
C PRO A 131 13.12 8.21 -14.84
N TYR A 132 13.50 9.43 -14.53
CA TYR A 132 13.01 10.58 -15.26
C TYR A 132 14.13 11.55 -15.65
N VAL A 133 13.84 12.33 -16.69
CA VAL A 133 14.70 13.43 -17.13
C VAL A 133 13.91 14.71 -17.20
N TYR A 134 14.41 15.70 -16.49
CA TYR A 134 13.88 17.04 -16.56
C TYR A 134 14.95 17.96 -17.18
N ASN A 135 14.52 18.75 -18.13
CA ASN A 135 15.46 19.54 -18.90
C ASN A 135 15.95 20.84 -18.32
N GLY A 136 15.23 21.39 -17.38
CA GLY A 136 15.62 22.66 -16.80
C GLY A 136 16.81 22.49 -15.91
N SER A 137 17.20 23.58 -15.23
CA SER A 137 18.31 23.55 -14.29
C SER A 137 17.83 23.37 -12.86
N ALA A 138 16.53 23.52 -12.68
CA ALA A 138 15.96 23.36 -11.35
C ALA A 138 16.11 21.90 -10.93
N GLN A 139 16.22 21.72 -9.64
CA GLN A 139 16.36 20.39 -9.02
C GLN A 139 15.09 20.02 -8.25
N SER A 140 15.05 18.75 -7.87
CA SER A 140 13.96 18.24 -7.03
C SER A 140 14.05 18.89 -5.67
N THR A 141 12.92 18.98 -5.00
CA THR A 141 12.83 19.66 -3.72
C THR A 141 11.85 18.92 -2.81
N ALA A 142 12.23 18.80 -1.54
CA ALA A 142 11.42 18.08 -0.55
C ALA A 142 10.41 18.97 0.10
N LEU A 143 9.33 19.24 -0.62
CA LEU A 143 8.33 20.22 -0.19
C LEU A 143 7.29 19.57 0.70
N CYS A 144 7.21 18.25 0.69
CA CYS A 144 6.22 17.57 1.51
C CYS A 144 6.88 16.70 2.57
N LYS A 145 6.77 17.15 3.81
CA LYS A 145 7.42 16.50 4.94
C LYS A 145 6.87 16.88 6.30
N SER A 146 6.98 15.92 7.20
CA SER A 146 6.43 16.06 8.53
C SER A 146 7.08 15.08 9.46
N GLY A 147 7.77 15.60 10.47
CA GLY A 147 8.54 14.74 11.35
C GLY A 147 9.63 14.06 10.56
N SER A 148 9.75 12.77 10.76
CA SER A 148 10.82 11.99 10.15
C SER A 148 10.37 11.46 8.79
N LEU A 149 9.14 11.80 8.41
CA LEU A 149 8.58 11.38 7.12
C LEU A 149 8.82 12.41 6.06
N VAL A 150 9.59 12.02 5.07
CA VAL A 150 9.90 12.85 3.91
C VAL A 150 9.40 12.18 2.62
N LEU A 151 8.40 12.80 2.01
CA LEU A 151 7.89 12.31 0.71
C LEU A 151 8.97 12.38 -0.35
N ASN A 152 9.09 11.31 -1.15
CA ASN A 152 9.99 11.36 -2.28
C ASN A 152 9.44 10.82 -3.60
N ASN A 153 8.15 10.43 -3.54
CA ASN A 153 7.40 9.97 -4.69
C ASN A 153 5.96 10.42 -4.57
N PRO A 154 5.49 11.20 -5.53
CA PRO A 154 6.25 11.75 -6.65
C PRO A 154 7.29 12.80 -6.16
N ALA A 155 8.27 13.09 -7.00
CA ALA A 155 9.22 14.19 -6.75
C ALA A 155 8.56 15.50 -7.10
N TYR A 156 8.92 16.55 -6.38
CA TYR A 156 8.61 17.92 -6.82
C TYR A 156 9.84 18.51 -7.48
N ILE A 157 9.65 19.22 -8.58
CA ILE A 157 10.74 19.96 -9.20
C ILE A 157 10.57 21.48 -8.96
N ALA A 158 11.65 22.07 -8.44
CA ALA A 158 11.69 23.50 -8.13
C ALA A 158 11.44 24.33 -9.39
N ARG A 159 10.98 25.55 -9.15
CA ARG A 159 10.80 26.56 -10.22
C ARG A 159 12.13 26.96 -10.82
N GLU A 160 12.14 27.24 -12.11
CA GLU A 160 13.39 27.77 -12.75
C GLU A 160 13.67 29.22 -12.31
N ALA A 161 14.97 29.57 -12.30
CA ALA A 161 15.53 30.97 -12.04
C ALA A 161 14.41 31.96 -12.35
N ASN A 162 13.90 31.90 -13.57
CA ASN A 162 13.88 33.00 -14.46
C ASN A 162 12.38 33.32 -14.39
N PHE A 163 11.65 32.47 -13.66
CA PHE A 163 10.21 32.57 -13.48
C PHE A 163 9.94 33.23 -12.16
N GLY A 164 8.95 34.10 -12.15
CA GLY A 164 8.62 34.89 -10.96
C GLY A 164 7.37 34.42 -10.25
N ASP A 165 6.63 33.56 -10.95
CA ASP A 165 5.38 32.99 -10.44
C ASP A 165 5.29 31.48 -10.70
N TYR A 166 4.09 30.94 -10.57
CA TYR A 166 3.88 29.47 -10.67
C TYR A 166 2.83 29.15 -11.72
N TYR A 167 2.72 30.06 -12.68
CA TYR A 167 1.77 29.91 -13.77
C TYR A 167 2.43 29.28 -14.98
N TYR A 168 3.59 28.73 -14.75
CA TYR A 168 4.37 28.18 -15.85
C TYR A 168 3.99 26.72 -16.16
N LYS A 169 4.32 26.35 -17.40
CA LYS A 169 4.21 24.99 -17.90
C LYS A 169 5.59 24.44 -18.13
N VAL A 170 5.87 23.32 -17.47
CA VAL A 170 7.12 22.59 -17.69
C VAL A 170 6.84 21.09 -17.64
N GLU A 171 7.78 20.34 -18.18
CA GLU A 171 7.65 18.90 -18.23
C GLU A 171 8.91 18.09 -17.98
N ALA A 172 8.66 16.80 -17.77
CA ALA A 172 9.71 15.78 -17.60
C ALA A 172 9.31 14.52 -18.34
N ASP A 173 10.28 13.74 -18.77
CA ASP A 173 10.01 12.44 -19.38
C ASP A 173 10.30 11.36 -18.34
N PHE A 174 9.35 10.44 -18.13
CA PHE A 174 9.57 9.27 -17.24
C PHE A 174 9.25 8.01 -17.98
N TYR A 175 10.03 6.98 -17.70
CA TYR A 175 10.03 5.77 -18.47
C TYR A 175 9.77 4.56 -17.60
N LEU A 176 8.80 3.76 -18.03
CA LEU A 176 8.39 2.56 -17.27
C LEU A 176 8.73 1.32 -18.07
N SER A 177 9.63 0.54 -17.49
CA SER A 177 10.07 -0.73 -18.06
C SER A 177 10.30 -1.73 -16.95
N GLY A 178 10.26 -3.00 -17.34
CA GLY A 178 10.61 -4.11 -16.43
C GLY A 178 9.41 -4.77 -15.79
N CYS A 179 8.21 -4.28 -16.07
CA CYS A 179 7.00 -4.87 -15.44
C CYS A 179 5.87 -4.99 -16.41
N ASP A 180 4.92 -5.86 -16.10
CA ASP A 180 3.71 -6.00 -16.92
C ASP A 180 2.86 -4.73 -16.73
N GLU A 181 2.76 -4.32 -15.48
CA GLU A 181 2.10 -3.05 -15.14
C GLU A 181 2.74 -2.39 -13.96
N TYR A 182 2.35 -1.14 -13.78
CA TYR A 182 3.00 -0.29 -12.79
C TYR A 182 1.97 0.49 -12.07
N ILE A 183 2.07 0.56 -10.74
CA ILE A 183 1.24 1.52 -10.00
C ILE A 183 2.11 2.74 -9.68
N VAL A 184 1.67 3.91 -10.14
CA VAL A 184 2.37 5.18 -9.89
C VAL A 184 1.41 6.24 -9.36
N PRO A 185 1.94 7.23 -8.62
CA PRO A 185 1.08 8.26 -8.10
C PRO A 185 1.04 9.45 -9.01
N LEU A 186 -0.19 9.93 -9.16
CA LEU A 186 -0.51 11.22 -9.78
C LEU A 186 -1.21 12.08 -8.75
N CYS A 187 -0.52 13.15 -8.37
CA CYS A 187 -0.90 13.98 -7.23
C CYS A 187 -0.89 15.47 -7.52
N ILE A 188 -1.76 16.15 -6.79
CA ILE A 188 -1.80 17.61 -6.76
C ILE A 188 -2.15 18.08 -5.38
N PHE A 189 -1.74 19.30 -5.10
CA PHE A 189 -2.33 20.07 -4.01
C PHE A 189 -3.70 20.52 -4.47
N ASN A 190 -4.71 20.00 -3.78
CA ASN A 190 -6.08 20.31 -4.09
C ASN A 190 -6.60 21.33 -3.08
N GLY A 191 -6.52 22.58 -3.52
CA GLY A 191 -6.78 23.71 -2.63
C GLY A 191 -6.22 25.00 -3.21
N LYS A 192 -6.54 26.11 -2.57
CA LYS A 192 -6.04 27.42 -3.04
C LYS A 192 -4.70 27.64 -2.33
N PHE A 193 -3.64 27.53 -3.11
CA PHE A 193 -2.27 27.43 -2.59
C PHE A 193 -1.58 28.76 -2.71
N LEU A 194 -1.29 29.32 -1.55
CA LEU A 194 -0.76 30.69 -1.44
C LEU A 194 0.74 30.74 -1.59
N SER A 195 1.17 31.55 -2.54
CA SER A 195 2.60 31.83 -2.67
C SER A 195 2.80 33.23 -3.20
N ASN A 196 3.48 34.02 -2.35
CA ASN A 196 3.76 35.45 -2.60
C ASN A 196 2.55 36.18 -3.10
N THR A 197 1.50 36.13 -2.30
CA THR A 197 0.29 36.92 -2.54
C THR A 197 -0.66 36.39 -3.58
N LYS A 198 -0.20 35.38 -4.32
CA LYS A 198 -1.05 34.74 -5.34
C LYS A 198 -1.47 33.30 -4.99
N TYR A 199 -2.72 33.01 -5.32
CA TYR A 199 -3.32 31.69 -5.05
C TYR A 199 -3.30 30.82 -6.26
N TYR A 200 -2.70 29.65 -6.08
CA TYR A 200 -2.55 28.68 -7.18
C TYR A 200 -3.48 27.49 -7.09
N ASP A 201 -3.77 26.98 -8.27
CA ASP A 201 -4.55 25.75 -8.50
C ASP A 201 -3.66 24.78 -9.27
N ASP A 202 -3.10 23.85 -8.52
CA ASP A 202 -2.14 22.90 -9.05
C ASP A 202 -2.80 22.10 -10.16
N SER A 203 -2.01 21.85 -11.19
CA SER A 203 -2.43 21.05 -12.34
C SER A 203 -1.32 20.09 -12.75
N GLN A 204 -1.66 18.80 -12.86
CA GLN A 204 -0.67 17.80 -13.30
C GLN A 204 -1.24 16.78 -14.26
N TYR A 205 -0.57 16.62 -15.38
CA TYR A 205 -0.90 15.58 -16.35
C TYR A 205 0.24 14.63 -16.48
N TYR A 206 -0.11 13.39 -16.72
CA TYR A 206 0.82 12.40 -17.32
C TYR A 206 0.27 12.02 -18.69
N PHE A 207 1.19 11.71 -19.59
CA PHE A 207 0.89 11.42 -21.00
C PHE A 207 1.71 10.26 -21.51
N ASN A 208 1.03 9.20 -21.93
CA ASN A 208 1.68 8.06 -22.59
C ASN A 208 1.91 8.43 -24.05
N LYS A 209 3.17 8.59 -24.40
CA LYS A 209 3.56 9.15 -25.68
C LYS A 209 3.15 8.27 -26.84
N ASP A 210 2.88 7.01 -26.56
CA ASP A 210 2.58 6.07 -27.61
C ASP A 210 1.12 5.60 -27.60
N THR A 211 0.49 5.47 -26.43
CA THR A 211 -0.92 5.13 -26.44
C THR A 211 -1.77 6.40 -26.61
N GLY A 212 -1.15 7.53 -26.33
CA GLY A 212 -1.81 8.79 -26.50
C GLY A 212 -2.78 9.16 -25.36
N VAL A 213 -2.77 8.34 -24.31
CA VAL A 213 -3.65 8.59 -23.15
C VAL A 213 -3.09 9.68 -22.25
N ILE A 214 -3.96 10.64 -21.93
CA ILE A 214 -3.68 11.72 -20.97
C ILE A 214 -4.45 11.41 -19.70
N TYR A 215 -3.72 11.38 -18.62
CA TYR A 215 -4.26 11.25 -17.28
C TYR A 215 -3.97 12.56 -16.55
N GLY A 216 -4.99 13.29 -16.17
CA GLY A 216 -4.72 14.56 -15.47
C GLY A 216 -5.58 14.82 -14.28
N LEU A 217 -5.03 15.67 -13.42
CA LEU A 217 -5.70 16.21 -12.25
C LEU A 217 -5.47 17.70 -12.13
N ASN A 218 -6.57 18.42 -11.96
CA ASN A 218 -6.54 19.85 -11.67
C ASN A 218 -7.22 20.12 -10.37
N SER A 219 -6.66 21.04 -9.61
CA SER A 219 -7.20 21.43 -8.30
C SER A 219 -8.55 22.09 -8.46
N THR A 220 -9.49 21.77 -7.60
CA THR A 220 -10.84 22.35 -7.71
C THR A 220 -11.35 22.92 -6.36
N GLU A 221 -10.71 22.50 -5.28
CA GLU A 221 -11.02 23.02 -3.94
C GLU A 221 -10.85 24.52 -3.83
N THR A 222 -11.71 25.12 -3.03
CA THR A 222 -11.74 26.56 -2.81
C THR A 222 -11.14 26.93 -1.45
N ILE A 223 -11.07 25.98 -0.54
CA ILE A 223 -10.48 26.27 0.77
C ILE A 223 -9.01 26.70 0.64
N THR A 224 -8.61 27.58 1.55
CA THR A 224 -7.28 28.22 1.51
C THR A 224 -6.41 27.64 2.59
N THR A 225 -7.01 26.77 3.39
CA THR A 225 -6.26 26.07 4.41
C THR A 225 -6.91 24.74 4.73
N GLY A 226 -6.17 23.87 5.41
CA GLY A 226 -6.67 22.56 5.81
C GLY A 226 -6.76 21.60 4.62
N PHE A 227 -6.06 21.97 3.54
CA PHE A 227 -5.99 21.12 2.34
C PHE A 227 -4.63 20.47 2.21
N ASP A 228 -4.49 19.54 1.28
CA ASP A 228 -3.22 18.79 1.17
C ASP A 228 -3.04 18.16 -0.21
N PHE A 229 -2.10 17.25 -0.26
CA PHE A 229 -1.62 16.63 -1.50
C PHE A 229 -2.46 15.39 -1.79
N ASN A 230 -3.40 15.55 -2.71
CA ASN A 230 -4.33 14.44 -3.09
C ASN A 230 -3.66 13.61 -4.14
N CYS A 231 -3.63 12.29 -3.93
CA CYS A 231 -3.08 11.36 -4.90
C CYS A 231 -4.11 10.37 -5.43
N HIS A 232 -3.92 10.09 -6.69
CA HIS A 232 -4.56 8.99 -7.42
C HIS A 232 -3.49 8.03 -7.84
N TYR A 233 -3.87 6.76 -7.91
CA TYR A 233 -2.90 5.70 -8.16
C TYR A 233 -3.26 5.04 -9.46
N LEU A 234 -2.44 5.34 -10.45
CA LEU A 234 -2.66 4.89 -11.78
C LEU A 234 -2.00 3.55 -11.97
N VAL A 235 -2.69 2.70 -12.69
CA VAL A 235 -2.14 1.41 -13.09
C VAL A 235 -1.85 1.47 -14.59
N LEU A 236 -0.56 1.55 -14.93
CA LEU A 236 -0.13 1.90 -16.29
C LEU A 236 0.64 0.78 -16.92
N PRO A 237 0.67 0.75 -18.26
CA PRO A 237 1.48 -0.20 -18.96
C PRO A 237 2.89 0.32 -19.17
N SER A 238 3.77 -0.56 -19.59
CA SER A 238 5.14 -0.14 -19.93
C SER A 238 5.03 0.91 -21.02
N GLY A 239 5.93 1.88 -20.94
CA GLY A 239 6.09 2.85 -22.03
C GLY A 239 6.82 4.09 -21.58
N ASN A 240 6.77 5.07 -22.47
CA ASN A 240 7.45 6.34 -22.29
C ASN A 240 6.45 7.47 -22.16
N TYR A 241 6.59 8.19 -21.05
CA TYR A 241 5.63 9.17 -20.63
C TYR A 241 6.23 10.54 -20.47
N LEU A 242 5.36 11.53 -20.58
CA LEU A 242 5.64 12.88 -20.07
C LEU A 242 4.79 13.22 -18.88
N ALA A 243 5.45 13.87 -17.93
CA ALA A 243 4.80 14.53 -16.85
C ALA A 243 4.79 16.01 -17.23
N ILE A 244 3.58 16.53 -17.42
CA ILE A 244 3.35 17.89 -17.90
C ILE A 244 2.62 18.65 -16.82
N SER A 245 3.34 19.60 -16.23
CA SER A 245 2.81 20.45 -15.17
C SER A 245 2.30 21.73 -15.80
N ASN A 246 1.11 22.15 -15.39
CA ASN A 246 0.48 23.34 -15.99
C ASN A 246 0.34 24.46 -14.99
N GLU A 247 0.69 24.16 -13.75
CA GLU A 247 0.62 25.14 -12.64
C GLU A 247 1.18 24.56 -11.35
N LEU A 248 1.73 25.46 -10.55
CA LEU A 248 2.47 25.12 -9.33
C LEU A 248 3.70 24.30 -9.73
N LEU A 249 4.07 23.38 -8.86
CA LEU A 249 5.26 22.57 -9.07
C LEU A 249 5.00 21.30 -9.85
N LEU A 250 5.89 21.05 -10.79
CA LEU A 250 5.94 19.83 -11.52
C LEU A 250 6.23 18.65 -10.59
N THR A 251 5.42 17.61 -10.78
CA THR A 251 5.56 16.38 -10.02
C THR A 251 5.65 15.18 -10.96
N VAL A 252 6.49 14.23 -10.59
CA VAL A 252 6.83 13.12 -11.47
C VAL A 252 7.12 11.91 -10.60
N PRO A 253 6.67 10.70 -11.02
CA PRO A 253 6.94 9.51 -10.24
C PRO A 253 8.44 9.18 -10.17
N THR A 254 8.84 8.64 -9.02
CA THR A 254 10.19 8.19 -8.77
C THR A 254 10.25 6.70 -8.40
N LYS A 255 9.11 6.17 -7.98
CA LYS A 255 8.96 4.73 -7.68
C LYS A 255 7.60 4.21 -8.21
N ALA A 256 7.61 2.94 -8.58
CA ALA A 256 6.38 2.28 -8.93
C ALA A 256 6.30 0.93 -8.21
N ILE A 257 5.07 0.49 -7.96
CA ILE A 257 4.85 -0.92 -7.67
C ILE A 257 4.96 -1.60 -9.02
N CYS A 258 5.84 -2.58 -9.09
CA CYS A 258 6.12 -3.39 -10.24
C CYS A 258 5.33 -4.70 -10.13
N LEU A 259 4.38 -4.84 -11.05
CA LEU A 259 3.52 -6.03 -11.14
C LEU A 259 3.95 -6.93 -12.30
N ASN A 260 4.19 -8.21 -11.99
CA ASN A 260 4.63 -9.16 -12.97
C ASN A 260 3.96 -10.52 -12.80
N LYS A 261 3.93 -11.21 -13.92
CA LYS A 261 3.46 -12.57 -14.03
C LYS A 261 1.98 -12.69 -13.78
N ARG A 262 1.25 -12.46 -14.86
CA ARG A 262 -0.21 -12.53 -14.85
C ARG A 262 -0.62 -13.96 -14.40
N LYS A 263 -1.63 -14.03 -13.55
CA LYS A 263 -2.15 -15.29 -13.03
C LYS A 263 -3.67 -15.36 -13.07
N ASP A 264 -4.18 -16.56 -13.01
CA ASP A 264 -5.62 -16.77 -12.80
C ASP A 264 -6.05 -16.05 -11.54
N PHE A 265 -7.21 -15.44 -11.64
CA PHE A 265 -7.75 -14.62 -10.58
C PHE A 265 -7.75 -15.37 -9.27
N THR A 266 -7.10 -14.76 -8.28
CA THR A 266 -6.87 -15.42 -6.98
C THR A 266 -6.95 -14.40 -5.88
N PRO A 267 -8.06 -14.41 -5.10
CA PRO A 267 -8.24 -13.35 -4.15
C PRO A 267 -7.12 -13.28 -3.14
N VAL A 268 -6.80 -12.03 -2.79
CA VAL A 268 -5.76 -11.75 -1.80
C VAL A 268 -6.38 -11.88 -0.42
N GLN A 269 -5.51 -12.07 0.58
CA GLN A 269 -5.95 -12.07 1.97
C GLN A 269 -5.27 -10.98 2.74
N VAL A 270 -6.06 -10.20 3.45
CA VAL A 270 -5.58 -9.00 4.13
C VAL A 270 -5.98 -8.98 5.59
N VAL A 271 -4.97 -8.79 6.45
CA VAL A 271 -5.15 -8.79 7.88
C VAL A 271 -5.07 -7.38 8.37
N ASP A 272 -6.08 -6.99 9.13
CA ASP A 272 -6.12 -5.65 9.72
C ASP A 272 -4.79 -5.29 10.44
N SER A 273 -4.24 -4.13 10.10
CA SER A 273 -2.97 -3.68 10.65
C SER A 273 -3.22 -2.42 11.42
N ARG A 274 -3.30 -2.59 12.74
CA ARG A 274 -3.61 -1.51 13.67
C ARG A 274 -2.76 -1.56 14.94
N TRP A 275 -2.70 -0.40 15.55
CA TRP A 275 -2.09 -0.22 16.88
C TRP A 275 -3.06 -0.62 17.97
N ASN A 276 -2.50 -0.93 19.12
CA ASN A 276 -3.27 -0.94 20.38
C ASN A 276 -4.11 0.34 20.45
N ASN A 277 -5.27 0.26 21.08
CA ASN A 277 -6.30 1.30 20.97
C ASN A 277 -5.86 2.67 21.46
N ALA A 278 -4.71 2.69 22.14
CA ALA A 278 -4.21 3.91 22.76
C ALA A 278 -3.69 4.81 21.66
N ARG A 279 -3.52 4.23 20.47
CA ARG A 279 -3.10 5.05 19.30
C ARG A 279 -4.16 5.01 18.22
N GLN A 280 -4.21 6.07 17.45
CA GLN A 280 -5.19 6.18 16.37
C GLN A 280 -4.74 5.42 15.13
N SER A 281 -5.56 4.43 14.77
CA SER A 281 -5.43 3.72 13.53
C SER A 281 -6.52 4.15 12.53
N ASP A 282 -6.66 3.38 11.45
CA ASP A 282 -7.65 3.68 10.41
C ASP A 282 -8.20 2.40 9.78
N ASN A 283 -9.27 2.55 9.01
CA ASN A 283 -9.90 1.38 8.39
C ASN A 283 -9.74 1.37 6.85
N MET A 284 -8.71 2.07 6.40
CA MET A 284 -8.52 2.23 4.95
C MET A 284 -8.21 0.90 4.22
N THR A 285 -7.46 -0.01 4.86
CA THR A 285 -7.22 -1.31 4.21
C THR A 285 -8.50 -2.13 4.20
N ALA A 286 -9.37 -1.91 5.19
CA ALA A 286 -10.68 -2.58 5.21
C ALA A 286 -11.49 -2.08 4.04
N VAL A 287 -11.51 -0.76 3.83
CA VAL A 287 -12.27 -0.16 2.71
C VAL A 287 -11.74 -0.69 1.37
N ALA A 288 -10.42 -0.87 1.30
CA ALA A 288 -9.72 -1.33 0.07
C ALA A 288 -9.95 -2.80 -0.24
N CYS A 289 -10.29 -3.53 0.81
CA CYS A 289 -10.33 -4.99 0.70
C CYS A 289 -11.76 -5.43 0.55
N GLN A 290 -12.16 -5.67 -0.68
CA GLN A 290 -13.53 -6.02 -0.99
C GLN A 290 -13.62 -7.26 -1.85
N PRO A 291 -14.76 -7.97 -1.76
CA PRO A 291 -14.97 -9.07 -2.68
C PRO A 291 -15.16 -8.51 -4.08
N PRO A 292 -14.87 -9.30 -5.10
CA PRO A 292 -14.37 -10.66 -4.99
C PRO A 292 -12.86 -10.81 -4.84
N TYR A 293 -12.15 -9.70 -4.78
CA TYR A 293 -10.68 -9.77 -4.98
C TYR A 293 -9.90 -9.86 -3.69
N CYS A 294 -10.59 -9.73 -2.58
CA CYS A 294 -9.93 -9.68 -1.29
C CYS A 294 -10.81 -10.21 -0.20
N TYR A 295 -10.18 -10.99 0.66
CA TYR A 295 -10.76 -11.36 1.96
C TYR A 295 -10.13 -10.61 3.11
N PHE A 296 -10.93 -9.96 3.93
CA PHE A 296 -10.44 -9.22 5.08
C PHE A 296 -10.58 -10.01 6.42
N ARG A 297 -9.48 -10.08 7.15
CA ARG A 297 -9.47 -10.68 8.49
C ARG A 297 -9.03 -9.72 9.58
N ASN A 298 -9.77 -9.80 10.66
CA ASN A 298 -9.56 -8.97 11.85
C ASN A 298 -9.85 -9.73 13.14
N SER A 299 -9.14 -9.38 14.22
CA SER A 299 -9.45 -9.99 15.53
C SER A 299 -10.60 -9.23 16.14
N THR A 300 -11.18 -9.83 17.15
CA THR A 300 -12.37 -9.28 17.79
C THR A 300 -11.97 -8.49 19.01
N THR A 301 -10.67 -8.38 19.23
CA THR A 301 -10.15 -7.71 20.41
C THR A 301 -9.23 -6.55 20.12
N ASN A 302 -9.08 -5.70 21.12
CA ASN A 302 -7.97 -4.76 21.20
C ASN A 302 -6.63 -5.47 20.95
N TYR A 303 -5.71 -4.74 20.33
CA TYR A 303 -4.36 -5.28 20.08
C TYR A 303 -3.54 -5.04 21.34
N VAL A 304 -3.29 -6.11 22.06
CA VAL A 304 -2.51 -6.05 23.28
C VAL A 304 -1.37 -7.03 23.14
N GLY A 305 -0.21 -6.46 22.85
CA GLY A 305 1.01 -7.21 22.67
C GLY A 305 1.66 -7.55 24.00
N VAL A 306 2.46 -8.61 23.95
CA VAL A 306 3.15 -9.14 25.13
C VAL A 306 4.60 -8.68 25.18
N TYR A 307 5.21 -8.46 24.03
CA TYR A 307 6.58 -7.94 23.99
C TYR A 307 6.60 -6.48 24.43
N ASP A 308 5.88 -5.67 23.66
CA ASP A 308 5.38 -4.40 24.12
C ASP A 308 3.93 -4.30 23.69
N ILE A 309 3.30 -3.20 24.03
CA ILE A 309 1.85 -3.12 23.92
C ILE A 309 1.38 -3.24 22.44
N ASN A 310 2.31 -2.99 21.54
CA ASN A 310 2.01 -2.95 20.10
C ASN A 310 2.60 -4.10 19.32
N HIS A 311 3.15 -5.06 20.06
CA HIS A 311 3.75 -6.24 19.43
C HIS A 311 3.60 -7.53 20.21
N GLY A 312 3.01 -8.50 19.50
CA GLY A 312 2.83 -9.88 19.94
C GLY A 312 1.48 -10.12 20.61
N ASP A 313 0.43 -10.18 19.79
CA ASP A 313 -0.97 -10.21 20.25
C ASP A 313 -1.58 -11.55 20.00
N ALA A 314 -2.41 -11.99 20.95
CA ALA A 314 -3.02 -13.34 20.87
C ALA A 314 -3.94 -13.48 19.68
N GLY A 315 -4.73 -12.44 19.47
CA GLY A 315 -5.74 -12.42 18.41
C GLY A 315 -5.13 -12.45 17.02
N PHE A 316 -4.13 -11.61 16.80
CA PHE A 316 -3.44 -11.62 15.49
C PHE A 316 -2.52 -12.81 15.30
N THR A 317 -1.98 -13.32 16.40
CA THR A 317 -1.14 -14.52 16.31
C THR A 317 -1.98 -15.64 15.80
N SER A 318 -3.20 -15.65 16.29
CA SER A 318 -4.12 -16.71 15.94
C SER A 318 -4.49 -16.62 14.46
N ILE A 319 -4.80 -15.42 14.01
CA ILE A 319 -5.13 -15.23 12.59
C ILE A 319 -3.98 -15.73 11.70
N LEU A 320 -2.76 -15.36 12.04
CA LEU A 320 -1.59 -15.74 11.21
C LEU A 320 -1.20 -17.21 11.33
N SER A 321 -1.72 -17.89 12.35
CA SER A 321 -1.33 -19.31 12.62
C SER A 321 -1.76 -20.21 11.49
N GLY A 322 -2.72 -19.72 10.71
CA GLY A 322 -3.22 -20.51 9.59
C GLY A 322 -2.17 -20.69 8.51
N LEU A 323 -1.14 -19.85 8.54
CA LEU A 323 -0.02 -19.97 7.56
C LEU A 323 0.83 -21.23 7.79
N LEU A 324 0.59 -21.88 8.92
CA LEU A 324 1.39 -23.08 9.33
C LEU A 324 0.84 -24.34 8.70
N TYR A 325 -0.32 -24.22 8.09
CA TYR A 325 -0.92 -25.37 7.39
C TYR A 325 -1.63 -24.97 6.08
N ASP A 326 -1.81 -25.96 5.21
CA ASP A 326 -2.67 -25.83 4.03
C ASP A 326 -4.12 -25.91 4.44
N SER A 327 -4.97 -25.15 3.74
CA SER A 327 -6.42 -25.18 3.95
C SER A 327 -7.12 -25.15 2.57
N PRO A 328 -8.23 -25.87 2.42
CA PRO A 328 -8.76 -26.06 1.05
C PRO A 328 -9.66 -24.95 0.54
N CYS A 329 -10.33 -24.26 1.45
CA CYS A 329 -11.39 -23.32 1.09
C CYS A 329 -11.28 -22.01 1.81
N PHE A 330 -11.28 -20.97 0.99
CA PHE A 330 -11.25 -19.56 1.40
C PHE A 330 -12.56 -18.85 0.98
N SER A 331 -13.11 -18.11 1.92
CA SER A 331 -14.39 -17.44 1.73
C SER A 331 -14.50 -16.17 2.54
N GLN A 332 -15.51 -15.39 2.23
CA GLN A 332 -15.69 -14.16 2.97
C GLN A 332 -15.81 -14.44 4.44
N GLN A 333 -16.47 -15.54 4.79
CA GLN A 333 -16.79 -15.83 6.22
C GLN A 333 -15.58 -16.41 6.95
N GLY A 334 -14.66 -16.95 6.18
CA GLY A 334 -13.42 -17.44 6.75
C GLY A 334 -12.83 -18.56 5.97
N VAL A 335 -11.93 -19.29 6.64
CA VAL A 335 -11.26 -20.41 6.01
C VAL A 335 -11.82 -21.70 6.54
N PHE A 336 -12.20 -22.59 5.62
CA PHE A 336 -12.71 -23.90 5.98
C PHE A 336 -11.58 -24.92 5.87
N ARG A 337 -11.40 -25.66 6.96
CA ARG A 337 -10.31 -26.63 7.03
C ARG A 337 -10.59 -27.92 6.25
N TYR A 338 -11.88 -28.16 5.96
CA TYR A 338 -12.33 -29.34 5.17
C TYR A 338 -13.20 -29.00 3.97
N ASP A 339 -13.05 -29.77 2.92
CA ASP A 339 -13.60 -29.45 1.61
C ASP A 339 -14.86 -30.22 1.30
N ASN A 340 -15.38 -30.90 2.33
CA ASN A 340 -16.54 -31.79 2.11
C ASN A 340 -17.87 -31.22 2.49
N VAL A 341 -18.13 -31.16 3.78
CA VAL A 341 -19.41 -30.67 4.28
C VAL A 341 -19.28 -29.57 5.31
N SER A 342 -20.25 -28.66 5.25
CA SER A 342 -20.37 -27.56 6.22
C SER A 342 -21.81 -27.21 6.53
N SER A 343 -22.00 -26.23 7.38
CA SER A 343 -23.33 -25.80 7.72
C SER A 343 -23.64 -24.38 7.24
N VAL A 344 -22.66 -23.77 6.60
CA VAL A 344 -22.88 -22.52 5.91
C VAL A 344 -22.29 -22.62 4.51
N TRP A 345 -22.91 -21.89 3.61
CA TRP A 345 -22.45 -21.83 2.21
C TRP A 345 -21.30 -20.81 2.09
N PRO A 346 -20.12 -21.27 1.65
CA PRO A 346 -19.00 -20.33 1.48
C PRO A 346 -19.34 -19.26 0.47
N LEU A 347 -19.13 -18.03 0.86
CA LEU A 347 -19.37 -16.88 0.00
C LEU A 347 -18.07 -16.37 -0.66
N TYR A 348 -18.21 -16.01 -1.93
CA TYR A 348 -17.11 -15.53 -2.75
C TYR A 348 -15.91 -16.45 -2.63
N SER A 349 -16.15 -17.73 -2.80
CA SER A 349 -15.16 -18.73 -2.39
C SER A 349 -14.06 -18.96 -3.42
N TYR A 350 -12.93 -19.44 -2.91
CA TYR A 350 -11.81 -19.90 -3.72
C TYR A 350 -11.27 -21.19 -3.11
N GLY A 351 -10.98 -22.15 -3.98
CA GLY A 351 -10.44 -23.44 -3.57
C GLY A 351 -11.51 -24.50 -3.61
N ARG A 352 -11.23 -25.58 -2.86
CA ARG A 352 -12.09 -26.77 -2.81
C ARG A 352 -12.96 -26.61 -1.60
N CYS A 353 -14.21 -26.28 -1.87
CA CYS A 353 -15.09 -25.82 -0.83
C CYS A 353 -16.22 -26.82 -0.54
N PRO A 354 -16.64 -26.86 0.71
CA PRO A 354 -17.68 -27.74 1.16
C PRO A 354 -19.09 -27.32 0.74
N THR A 355 -19.94 -28.32 0.65
CA THR A 355 -21.38 -28.10 0.54
C THR A 355 -22.05 -27.96 1.90
N ALA A 356 -23.04 -27.09 1.94
CA ALA A 356 -23.90 -26.94 3.12
C ALA A 356 -25.21 -27.70 2.87
N ALA A 357 -25.25 -28.50 1.80
CA ALA A 357 -26.42 -29.35 1.53
C ALA A 357 -26.54 -30.58 2.50
N ASP A 358 -27.66 -31.27 2.40
CA ASP A 358 -27.92 -32.48 3.23
C ASP A 358 -26.82 -33.56 3.25
C1 NAG B . -6.04 22.57 -15.71
C2 NAG B . -6.93 23.08 -16.84
C3 NAG B . -6.12 23.94 -17.81
C4 NAG B . -5.32 25.00 -17.07
C5 NAG B . -4.45 24.33 -16.01
C6 NAG B . -3.54 25.32 -15.29
C7 NAG B . -8.64 21.68 -17.91
C8 NAG B . -9.59 22.72 -17.46
N2 NAG B . -7.39 21.91 -17.56
O3 NAG B . -6.90 24.52 -18.85
O4 NAG B . -4.52 25.59 -18.07
O5 NAG B . -5.28 23.63 -15.10
O6 NAG B . -4.26 26.18 -14.43
O7 NAG B . -9.01 20.66 -18.53
C1 NAG B . -4.50 27.02 -17.91
C2 NAG B . -3.58 27.60 -18.96
C3 NAG B . -3.50 29.13 -18.79
C4 NAG B . -4.90 29.76 -18.80
C5 NAG B . -5.89 28.98 -17.95
C6 NAG B . -7.29 29.30 -18.44
C7 NAG B . -1.67 26.15 -19.56
C8 NAG B . -2.42 25.62 -20.73
N2 NAG B . -2.26 27.03 -18.78
O3 NAG B . -2.74 29.68 -19.83
O4 NAG B . -4.87 31.09 -18.32
O5 NAG B . -5.77 27.59 -18.09
O6 NAG B . -8.07 29.29 -17.28
O7 NAG B . -0.51 25.78 -19.31
C1 NAG C . -14.56 2.98 7.81
C2 NAG C . -15.82 2.15 7.52
C3 NAG C . -16.90 3.07 6.97
C4 NAG C . -17.19 4.22 7.97
C5 NAG C . -15.87 4.95 8.22
C6 NAG C . -16.11 6.01 9.27
C7 NAG C . -15.15 -0.12 6.84
C8 NAG C . -15.02 -1.05 5.64
N2 NAG C . -15.60 1.10 6.55
O3 NAG C . -18.05 2.28 6.73
O4 NAG C . -18.23 5.12 7.56
O5 NAG C . -14.85 4.06 8.67
O6 NAG C . -15.00 6.88 9.21
O7 NAG C . -14.85 -0.48 7.97
C1 NAG D . 13.72 -4.29 -5.57
C2 NAG D . 14.51 -3.38 -6.48
C3 NAG D . 14.44 -3.86 -7.92
C4 NAG D . 14.87 -5.28 -8.04
C5 NAG D . 14.05 -6.07 -7.04
C6 NAG D . 14.38 -7.55 -7.08
C7 NAG D . 14.61 -0.99 -5.96
C8 NAG D . 15.91 -1.18 -5.34
N2 NAG D . 14.01 -2.05 -6.48
O3 NAG D . 15.24 -3.03 -8.70
O4 NAG D . 14.62 -5.69 -9.36
O5 NAG D . 14.27 -5.58 -5.73
O6 NAG D . 15.75 -7.69 -6.86
O7 NAG D . 14.09 0.14 -6.04
C1 NAG E . -15.44 -34.77 6.05
C2 NAG E . -16.14 -36.06 6.45
C3 NAG E . -15.82 -36.31 7.92
C4 NAG E . -14.32 -36.48 8.08
C5 NAG E . -13.66 -35.18 7.60
C6 NAG E . -12.17 -35.35 7.62
C7 NAG E . -18.24 -36.43 5.27
C8 NAG E . -17.49 -37.01 4.11
N2 NAG E . -17.59 -36.00 6.32
O3 NAG E . -16.53 -37.45 8.32
O4 NAG E . -14.02 -36.77 9.44
O5 NAG E . -14.05 -34.93 6.25
O6 NAG E . -11.85 -36.26 6.58
O7 NAG E . -19.44 -36.35 5.23
C1 NAG F . -11.13 -4.75 13.93
C2 NAG F . -11.80 -3.44 13.53
C3 NAG F . -11.86 -2.50 14.72
C4 NAG F . -12.50 -3.11 15.96
C5 NAG F . -11.73 -4.38 16.23
C6 NAG F . -12.27 -5.09 17.47
C7 NAG F . -11.64 -2.59 11.23
C8 NAG F . -10.79 -1.93 10.18
N2 NAG F . -11.10 -2.79 12.44
O3 NAG F . -12.58 -1.36 14.35
O4 NAG F . -12.43 -2.15 17.03
O5 NAG F . -11.81 -5.22 15.10
O6 NAG F . -13.58 -5.52 17.19
O7 NAG F . -12.79 -2.92 10.95
C1 NAG G . 10.44 -12.57 25.41
C2 NAG G . 11.00 -13.40 26.57
C3 NAG G . 9.96 -13.70 27.69
C4 NAG G . 8.66 -12.89 27.62
C5 NAG G . 8.43 -12.13 26.30
C6 NAG G . 7.40 -11.04 26.51
C7 NAG G . 12.89 -14.92 26.29
C8 NAG G . 13.37 -16.28 25.84
N2 NAG G . 11.58 -14.67 26.15
O3 NAG G . 10.56 -13.45 28.95
O4 NAG G . 7.58 -13.77 27.87
O5 NAG G . 9.63 -11.53 25.89
O6 NAG G . 8.08 -10.00 27.19
O7 NAG G . 13.67 -14.08 26.76
K K H . 1.84 20.43 -11.09
#